data_5PO5
#
_entry.id   5PO5
#
_cell.length_a   55.315
_cell.length_b   56.288
_cell.length_c   101.930
_cell.angle_alpha   90.000
_cell.angle_beta   90.000
_cell.angle_gamma   90.000
#
_symmetry.space_group_name_H-M   'P 21 21 21'
#
loop_
_entity.id
_entity.type
_entity.pdbx_description
1 polymer 'Bromodomain-containing protein 1'
2 non-polymer 1,2-ETHANEDIOL
3 non-polymer 'SODIUM ION'
4 non-polymer 2-[1-methyl-3-(1H-pyrrol-1-yl)-1H-pyrazol-4-yl]pyridine
5 water water
#
_entity_poly.entity_id   1
_entity_poly.type   'polypeptide(L)'
_entity_poly.pdbx_seq_one_letter_code
;MHHHHHHSSGVDLGTENLYFQSMEQVAMELRLTELTRLLRSVLDQLQDKDPARIFAQPVSLKEVPDYLDHIKHPMDFATM
RKRLEAQGYKNLHEFEEDFDLIIDNCMKYNARDTVFYRAAVRLRDQGGVVLRQARREVDSIGLEEASGMHLPERPA
;
_entity_poly.pdbx_strand_id   A,B
#
# COMPACT_ATOMS: atom_id res chain seq x y z
N SER A 22 1.47 -32.35 -18.00
CA SER A 22 1.96 -33.21 -16.92
C SER A 22 0.91 -33.36 -15.83
N MET A 23 1.03 -34.41 -15.03
CA MET A 23 0.12 -34.62 -13.92
CA MET A 23 0.10 -34.61 -13.92
C MET A 23 0.31 -33.53 -12.86
N GLU A 24 1.58 -33.12 -12.65
CA GLU A 24 1.88 -32.08 -11.67
C GLU A 24 1.18 -30.76 -12.01
N GLN A 25 1.14 -30.40 -13.29
CA GLN A 25 0.47 -29.16 -13.70
C GLN A 25 -1.01 -29.22 -13.40
N VAL A 26 -1.63 -30.36 -13.69
CA VAL A 26 -3.04 -30.58 -13.36
C VAL A 26 -3.32 -30.46 -11.87
N ALA A 27 -2.42 -30.97 -11.05
CA ALA A 27 -2.58 -30.91 -9.60
C ALA A 27 -2.52 -29.47 -9.11
N MET A 28 -1.57 -28.72 -9.66
CA MET A 28 -1.46 -27.28 -9.37
C MET A 28 -2.72 -26.55 -9.78
N GLU A 29 -3.25 -26.90 -10.94
CA GLU A 29 -4.46 -26.25 -11.44
C GLU A 29 -5.67 -26.58 -10.56
N LEU A 30 -5.72 -27.80 -10.02
CA LEU A 30 -6.80 -28.17 -9.12
C LEU A 30 -6.73 -27.38 -7.81
N ARG A 31 -5.52 -27.21 -7.30
CA ARG A 31 -5.30 -26.39 -6.10
C ARG A 31 -5.77 -24.96 -6.32
N LEU A 32 -5.41 -24.39 -7.48
CA LEU A 32 -5.85 -23.04 -7.84
C LEU A 32 -7.36 -22.95 -7.93
N THR A 33 -7.99 -23.97 -8.50
CA THR A 33 -9.44 -24.01 -8.61
C THR A 33 -10.07 -24.08 -7.22
N GLU A 34 -9.43 -24.84 -6.34
CA GLU A 34 -9.90 -24.94 -4.96
C GLU A 34 -9.78 -23.60 -4.24
N LEU A 35 -8.64 -22.94 -4.42
CA LEU A 35 -8.43 -21.62 -3.82
C LEU A 35 -9.50 -20.65 -4.30
N THR A 36 -9.77 -20.68 -5.61
CA THR A 36 -10.75 -19.80 -6.22
C THR A 36 -12.14 -20.03 -5.64
N ARG A 37 -12.49 -21.28 -5.36
CA ARG A 37 -13.76 -21.59 -4.74
C ARG A 37 -13.85 -20.99 -3.33
N LEU A 38 -12.76 -21.10 -2.56
CA LEU A 38 -12.73 -20.56 -1.21
C LEU A 38 -12.83 -19.03 -1.24
N LEU A 39 -12.04 -18.41 -2.12
CA LEU A 39 -12.03 -16.96 -2.26
C LEU A 39 -13.38 -16.43 -2.74
N ARG A 40 -14.10 -17.22 -3.54
CA ARG A 40 -15.42 -16.80 -3.95
C ARG A 40 -16.36 -16.71 -2.75
N SER A 41 -16.24 -17.66 -1.83
CA SER A 41 -17.01 -17.63 -0.60
C SER A 41 -16.62 -16.44 0.28
N VAL A 42 -15.31 -16.20 0.39
CA VAL A 42 -14.81 -15.03 1.13
C VAL A 42 -15.33 -13.73 0.52
N LEU A 43 -15.26 -13.62 -0.80
CA LEU A 43 -15.70 -12.41 -1.49
C LEU A 43 -17.19 -12.13 -1.23
N ASP A 44 -17.99 -13.19 -1.28
CA ASP A 44 -19.41 -13.05 -1.01
C ASP A 44 -19.66 -12.57 0.41
N GLN A 45 -18.92 -13.12 1.36
CA GLN A 45 -19.06 -12.72 2.75
C GLN A 45 -18.61 -11.26 2.96
N LEU A 46 -17.53 -10.86 2.30
CA LEU A 46 -17.05 -9.49 2.46
C LEU A 46 -18.03 -8.49 1.85
N GLN A 47 -18.57 -8.82 0.67
CA GLN A 47 -19.47 -7.90 0.01
C GLN A 47 -20.79 -7.75 0.78
N ASP A 48 -21.16 -8.77 1.55
CA ASP A 48 -22.32 -8.66 2.43
C ASP A 48 -22.13 -7.59 3.51
N LYS A 49 -20.88 -7.23 3.79
CA LYS A 49 -20.58 -6.21 4.79
C LYS A 49 -20.60 -4.81 4.17
N ASP A 50 -21.03 -4.74 2.91
CA ASP A 50 -21.26 -3.46 2.20
C ASP A 50 -22.72 -3.44 1.75
N PRO A 51 -23.64 -3.34 2.72
CA PRO A 51 -25.04 -3.43 2.34
C PRO A 51 -25.52 -2.28 1.45
N ALA A 52 -24.82 -1.15 1.50
CA ALA A 52 -25.18 0.00 0.68
C ALA A 52 -24.72 -0.11 -0.80
N ARG A 53 -23.91 -1.13 -1.10
CA ARG A 53 -23.30 -1.33 -2.42
C ARG A 53 -22.45 -0.13 -2.87
N ILE A 54 -21.83 0.53 -1.89
CA ILE A 54 -20.94 1.63 -2.18
C ILE A 54 -19.69 1.19 -2.94
N PHE A 55 -19.26 -0.06 -2.72
CA PHE A 55 -18.01 -0.56 -3.30
C PHE A 55 -18.24 -1.61 -4.39
N ALA A 56 -19.48 -1.70 -4.85
CA ALA A 56 -19.86 -2.74 -5.80
C ALA A 56 -19.29 -2.57 -7.20
N GLN A 57 -19.11 -1.33 -7.62
CA GLN A 57 -18.69 -1.02 -8.99
C GLN A 57 -17.53 -0.02 -9.01
N PRO A 58 -16.78 0.04 -10.11
CA PRO A 58 -15.71 1.04 -10.17
C PRO A 58 -16.26 2.46 -10.07
N VAL A 59 -15.51 3.34 -9.43
CA VAL A 59 -15.84 4.76 -9.42
C VAL A 59 -15.93 5.25 -10.87
N SER A 60 -17.05 5.89 -11.21
CA SER A 60 -17.29 6.34 -12.57
C SER A 60 -16.46 7.57 -12.95
N LEU A 61 -15.68 7.47 -14.02
CA LEU A 61 -14.82 8.57 -14.42
C LEU A 61 -15.62 9.64 -15.18
N LYS A 62 -16.86 9.31 -15.55
CA LYS A 62 -17.76 10.31 -16.08
C LYS A 62 -18.29 11.18 -14.95
N GLU A 63 -18.60 10.55 -13.82
CA GLU A 63 -19.16 11.26 -12.68
C GLU A 63 -18.09 11.83 -11.74
N VAL A 64 -16.90 11.23 -11.73
CA VAL A 64 -15.78 11.76 -10.96
C VAL A 64 -14.56 11.88 -11.87
N PRO A 65 -14.55 12.91 -12.73
CA PRO A 65 -13.54 12.94 -13.80
C PRO A 65 -12.09 13.08 -13.30
N ASP A 66 -11.87 13.58 -12.09
CA ASP A 66 -10.50 13.77 -11.59
C ASP A 66 -9.99 12.58 -10.78
N TYR A 67 -10.77 11.50 -10.73
CA TYR A 67 -10.46 10.43 -9.77
C TYR A 67 -9.05 9.86 -9.91
N LEU A 68 -8.58 9.68 -11.13
CA LEU A 68 -7.27 9.04 -11.33
C LEU A 68 -6.12 9.99 -11.01
N ASP A 69 -6.41 11.29 -10.87
CA ASP A 69 -5.40 12.22 -10.35
C ASP A 69 -5.13 11.95 -8.87
N HIS A 70 -6.13 11.36 -8.21
CA HIS A 70 -6.06 11.11 -6.77
C HIS A 70 -5.66 9.68 -6.47
N ILE A 71 -6.30 8.75 -7.16
CA ILE A 71 -6.19 7.33 -6.87
C ILE A 71 -5.52 6.61 -8.03
N LYS A 72 -4.34 6.06 -7.77
CA LYS A 72 -3.55 5.47 -8.85
C LYS A 72 -3.92 4.03 -9.16
N HIS A 73 -4.53 3.33 -8.21
CA HIS A 73 -4.96 1.96 -8.45
C HIS A 73 -6.39 1.72 -7.94
N PRO A 74 -7.37 2.14 -8.74
CA PRO A 74 -8.77 1.94 -8.37
C PRO A 74 -9.10 0.46 -8.18
N MET A 75 -10.05 0.17 -7.29
CA MET A 75 -10.51 -1.19 -7.12
C MET A 75 -11.95 -1.19 -6.61
N ASP A 76 -12.65 -2.28 -6.85
CA ASP A 76 -14.06 -2.43 -6.46
C ASP A 76 -14.42 -3.93 -6.50
N PHE A 77 -15.57 -4.30 -5.95
CA PHE A 77 -15.93 -5.70 -5.88
C PHE A 77 -16.17 -6.35 -7.26
N ALA A 78 -16.76 -5.62 -8.22
CA ALA A 78 -17.01 -6.20 -9.53
C ALA A 78 -15.69 -6.54 -10.24
N THR A 79 -14.72 -5.65 -10.11
CA THR A 79 -13.40 -5.86 -10.71
C THR A 79 -12.69 -7.04 -10.04
N MET A 80 -12.83 -7.18 -8.72
CA MET A 80 -12.25 -8.33 -8.03
C MET A 80 -12.90 -9.63 -8.52
N ARG A 81 -14.21 -9.59 -8.73
CA ARG A 81 -14.93 -10.78 -9.14
C ARG A 81 -14.49 -11.24 -10.53
N LYS A 82 -14.21 -10.28 -11.40
CA LYS A 82 -13.71 -10.60 -12.75
C LYS A 82 -12.37 -11.31 -12.66
N ARG A 83 -11.47 -10.78 -11.85
CA ARG A 83 -10.16 -11.40 -11.69
C ARG A 83 -10.29 -12.79 -11.06
N LEU A 84 -11.14 -12.90 -10.06
CA LEU A 84 -11.38 -14.18 -9.40
C LEU A 84 -11.86 -15.27 -10.34
N GLU A 85 -12.83 -14.96 -11.19
CA GLU A 85 -13.40 -15.97 -12.07
C GLU A 85 -12.45 -16.35 -13.20
N ALA A 86 -11.45 -15.52 -13.44
CA ALA A 86 -10.35 -15.85 -14.34
C ALA A 86 -9.24 -16.59 -13.59
N GLN A 87 -9.52 -16.97 -12.34
CA GLN A 87 -8.52 -17.58 -11.46
C GLN A 87 -7.23 -16.75 -11.38
N GLY A 88 -7.38 -15.43 -11.26
CA GLY A 88 -6.26 -14.51 -11.28
C GLY A 88 -5.64 -14.21 -9.92
N TYR A 89 -6.17 -14.80 -8.85
CA TYR A 89 -5.57 -14.69 -7.53
C TYR A 89 -4.83 -15.99 -7.20
N LYS A 90 -3.51 -15.92 -7.12
CA LYS A 90 -2.70 -17.13 -6.93
C LYS A 90 -2.56 -17.51 -5.46
N ASN A 91 -2.85 -16.56 -4.58
CA ASN A 91 -2.79 -16.80 -3.14
C ASN A 91 -3.71 -15.81 -2.43
N LEU A 92 -3.89 -15.99 -1.13
CA LEU A 92 -4.78 -15.10 -0.36
C LEU A 92 -4.22 -13.68 -0.27
N HIS A 93 -2.90 -13.54 -0.20
CA HIS A 93 -2.29 -12.23 -0.08
C HIS A 93 -2.68 -11.32 -1.25
N GLU A 94 -2.69 -11.87 -2.46
CA GLU A 94 -3.04 -11.06 -3.64
C GLU A 94 -4.49 -10.58 -3.56
N PHE A 95 -5.36 -11.45 -3.08
CA PHE A 95 -6.77 -11.14 -2.89
C PHE A 95 -6.93 -10.05 -1.83
N GLU A 96 -6.24 -10.20 -0.71
CA GLU A 96 -6.28 -9.21 0.36
CA GLU A 96 -6.30 -9.21 0.35
C GLU A 96 -5.77 -7.84 -0.09
N GLU A 97 -4.75 -7.84 -0.95
N GLU A 97 -4.77 -7.82 -0.96
CA GLU A 97 -4.20 -6.59 -1.47
CA GLU A 97 -4.23 -6.53 -1.40
C GLU A 97 -5.30 -5.80 -2.16
C GLU A 97 -5.23 -5.76 -2.26
N ASP A 98 -6.09 -6.48 -2.99
CA ASP A 98 -7.15 -5.81 -3.74
C ASP A 98 -8.28 -5.34 -2.79
N PHE A 99 -8.64 -6.18 -1.81
CA PHE A 99 -9.65 -5.74 -0.83
C PHE A 99 -9.19 -4.48 -0.07
N ASP A 100 -7.92 -4.46 0.33
CA ASP A 100 -7.39 -3.31 1.06
C ASP A 100 -7.38 -2.06 0.17
N LEU A 101 -7.17 -2.20 -1.13
CA LEU A 101 -7.26 -1.08 -2.06
C LEU A 101 -8.64 -0.44 -2.05
N ILE A 102 -9.68 -1.27 -2.02
CA ILE A 102 -11.04 -0.74 -1.98
C ILE A 102 -11.19 0.20 -0.77
N ILE A 103 -10.77 -0.28 0.38
CA ILE A 103 -10.85 0.45 1.64
CA ILE A 103 -10.90 0.47 1.61
C ILE A 103 -9.97 1.69 1.65
N ASP A 104 -8.71 1.48 1.32
CA ASP A 104 -7.71 2.53 1.46
C ASP A 104 -7.93 3.67 0.46
N ASN A 105 -8.36 3.34 -0.76
CA ASN A 105 -8.67 4.36 -1.76
C ASN A 105 -9.79 5.26 -1.26
N CYS A 106 -10.82 4.62 -0.72
CA CYS A 106 -11.99 5.36 -0.24
C CYS A 106 -11.62 6.31 0.90
N MET A 107 -10.79 5.83 1.82
CA MET A 107 -10.46 6.60 3.01
C MET A 107 -9.46 7.75 2.71
N LYS A 108 -8.88 7.73 1.52
CA LYS A 108 -8.07 8.87 1.10
CA LYS A 108 -8.06 8.83 1.00
C LYS A 108 -8.91 9.89 0.31
N TYR A 109 -9.72 9.43 -0.64
CA TYR A 109 -10.48 10.35 -1.47
C TYR A 109 -11.58 11.08 -0.70
N ASN A 110 -12.21 10.36 0.23
CA ASN A 110 -13.35 10.89 0.97
C ASN A 110 -12.95 11.30 2.38
N ALA A 111 -13.54 12.37 2.87
CA ALA A 111 -13.24 12.84 4.23
C ALA A 111 -13.95 12.02 5.31
N ARG A 112 -13.50 12.15 6.56
CA ARG A 112 -14.05 11.37 7.69
C ARG A 112 -15.54 11.55 7.90
N ASP A 113 -16.07 12.71 7.56
CA ASP A 113 -17.46 13.02 7.82
C ASP A 113 -18.35 12.67 6.63
N THR A 114 -18.00 11.61 5.90
CA THR A 114 -18.81 11.21 4.76
C THR A 114 -19.32 9.79 4.90
N VAL A 115 -20.46 9.52 4.27
CA VAL A 115 -21.03 8.17 4.29
C VAL A 115 -20.07 7.18 3.62
N PHE A 116 -19.28 7.65 2.66
CA PHE A 116 -18.33 6.79 1.95
C PHE A 116 -17.20 6.32 2.87
N TYR A 117 -16.54 7.26 3.54
CA TYR A 117 -15.45 6.91 4.46
C TYR A 117 -15.96 5.98 5.56
N ARG A 118 -17.12 6.31 6.11
CA ARG A 118 -17.66 5.54 7.21
C ARG A 118 -18.02 4.11 6.77
N ALA A 119 -18.47 3.96 5.54
CA ALA A 119 -18.79 2.62 5.00
C ALA A 119 -17.50 1.81 4.87
N ALA A 120 -16.41 2.46 4.47
CA ALA A 120 -15.13 1.75 4.37
C ALA A 120 -14.61 1.30 5.73
N VAL A 121 -14.77 2.13 6.75
CA VAL A 121 -14.34 1.75 8.10
C VAL A 121 -15.10 0.51 8.57
N ARG A 122 -16.41 0.50 8.34
CA ARG A 122 -17.23 -0.63 8.78
C ARG A 122 -16.89 -1.89 7.99
N LEU A 123 -16.64 -1.74 6.70
CA LEU A 123 -16.24 -2.88 5.86
C LEU A 123 -14.90 -3.47 6.31
N ARG A 124 -13.94 -2.60 6.61
CA ARG A 124 -12.65 -3.02 7.12
CA ARG A 124 -12.65 -3.06 7.10
C ARG A 124 -12.78 -3.80 8.42
N ASP A 125 -13.56 -3.25 9.34
CA ASP A 125 -13.69 -3.85 10.67
C ASP A 125 -14.38 -5.20 10.59
N GLN A 126 -15.51 -5.24 9.90
CA GLN A 126 -16.28 -6.48 9.77
C GLN A 126 -15.58 -7.52 8.90
N GLY A 127 -14.87 -7.05 7.89
CA GLY A 127 -14.17 -7.94 6.98
C GLY A 127 -12.97 -8.62 7.60
N GLY A 128 -12.34 -7.96 8.56
CA GLY A 128 -11.16 -8.50 9.24
C GLY A 128 -11.47 -9.84 9.87
N VAL A 129 -12.66 -9.96 10.43
CA VAL A 129 -13.10 -11.19 11.07
C VAL A 129 -13.11 -12.34 10.05
N VAL A 130 -13.70 -12.08 8.89
CA VAL A 130 -13.80 -13.03 7.80
C VAL A 130 -12.42 -13.46 7.29
N LEU A 131 -11.55 -12.47 7.09
CA LEU A 131 -10.22 -12.73 6.55
C LEU A 131 -9.34 -13.48 7.55
N ARG A 132 -9.54 -13.24 8.83
CA ARG A 132 -8.78 -13.97 9.85
C ARG A 132 -9.02 -15.47 9.72
N GLN A 133 -10.27 -15.88 9.55
CA GLN A 133 -10.55 -17.31 9.46
C GLN A 133 -10.17 -17.87 8.09
N ALA A 134 -10.29 -17.06 7.04
CA ALA A 134 -9.90 -17.46 5.70
C ALA A 134 -8.41 -17.79 5.65
N ARG A 135 -7.59 -17.02 6.35
CA ARG A 135 -6.16 -17.32 6.41
C ARG A 135 -5.93 -18.68 7.05
N ARG A 136 -6.65 -18.96 8.13
CA ARG A 136 -6.50 -20.25 8.80
C ARG A 136 -6.88 -21.40 7.85
N GLU A 137 -7.96 -21.22 7.09
CA GLU A 137 -8.43 -22.27 6.18
C GLU A 137 -7.49 -22.50 5.00
N VAL A 138 -6.93 -21.44 4.46
CA VAL A 138 -5.98 -21.56 3.37
C VAL A 138 -4.73 -22.32 3.84
N ASP A 139 -4.18 -21.93 4.98
CA ASP A 139 -3.04 -22.62 5.57
C ASP A 139 -3.36 -24.08 5.88
N SER A 140 -4.46 -24.28 6.59
CA SER A 140 -4.86 -25.61 7.04
C SER A 140 -5.00 -26.61 5.89
N ILE A 141 -5.88 -26.29 4.94
CA ILE A 141 -6.15 -27.17 3.82
C ILE A 141 -5.03 -27.14 2.78
N GLY A 142 -4.15 -26.15 2.87
CA GLY A 142 -3.00 -26.03 2.00
C GLY A 142 -3.35 -25.67 0.55
N LEU A 143 -3.90 -24.48 0.36
CA LEU A 143 -4.42 -24.08 -0.94
C LEU A 143 -3.52 -23.13 -1.73
N GLU A 144 -2.32 -22.86 -1.22
CA GLU A 144 -1.40 -21.95 -1.91
C GLU A 144 0.05 -22.38 -1.72
N SER B 22 36.31 -13.77 3.12
CA SER B 22 36.02 -14.37 1.82
C SER B 22 35.53 -13.30 0.87
N MET B 23 35.63 -13.57 -0.41
CA MET B 23 35.17 -12.60 -1.39
C MET B 23 33.64 -12.49 -1.35
N GLU B 24 32.97 -13.55 -0.90
CA GLU B 24 31.52 -13.48 -0.70
C GLU B 24 31.14 -12.43 0.35
N GLN B 25 31.90 -12.36 1.44
CA GLN B 25 31.69 -11.35 2.46
C GLN B 25 31.98 -9.95 1.92
N VAL B 26 33.06 -9.82 1.18
CA VAL B 26 33.40 -8.55 0.58
C VAL B 26 32.25 -8.08 -0.33
N ALA B 27 31.74 -8.97 -1.16
CA ALA B 27 30.68 -8.59 -2.09
C ALA B 27 29.42 -8.17 -1.35
N MET B 28 29.04 -8.89 -0.30
CA MET B 28 27.86 -8.49 0.46
C MET B 28 28.02 -7.13 1.15
N GLU B 29 29.18 -6.89 1.74
CA GLU B 29 29.42 -5.60 2.38
C GLU B 29 29.40 -4.47 1.35
N LEU B 30 29.93 -4.70 0.15
CA LEU B 30 29.83 -3.71 -0.92
C LEU B 30 28.38 -3.44 -1.32
N ARG B 31 27.57 -4.48 -1.45
CA ARG B 31 26.16 -4.27 -1.81
C ARG B 31 25.46 -3.46 -0.71
N LEU B 32 25.76 -3.75 0.55
CA LEU B 32 25.20 -3.01 1.68
C LEU B 32 25.58 -1.54 1.63
N THR B 33 26.86 -1.25 1.41
CA THR B 33 27.26 0.14 1.47
CA THR B 33 27.39 0.12 1.38
C THR B 33 26.79 0.93 0.24
N GLU B 34 26.69 0.27 -0.92
CA GLU B 34 26.18 0.93 -2.10
C GLU B 34 24.67 1.16 -2.03
N LEU B 35 23.94 0.20 -1.47
CA LEU B 35 22.51 0.41 -1.22
C LEU B 35 22.30 1.60 -0.30
N THR B 36 23.11 1.69 0.75
CA THR B 36 22.97 2.77 1.71
C THR B 36 23.28 4.12 1.05
N ARG B 37 24.30 4.16 0.19
CA ARG B 37 24.63 5.37 -0.53
CA ARG B 37 24.64 5.36 -0.54
C ARG B 37 23.45 5.82 -1.41
N LEU B 38 22.86 4.87 -2.12
CA LEU B 38 21.70 5.15 -2.98
C LEU B 38 20.52 5.66 -2.16
N LEU B 39 20.17 4.97 -1.06
CA LEU B 39 19.03 5.39 -0.27
C LEU B 39 19.26 6.75 0.39
N ARG B 40 20.49 7.04 0.81
CA ARG B 40 20.79 8.35 1.37
C ARG B 40 20.52 9.45 0.34
N SER B 41 20.95 9.21 -0.90
CA SER B 41 20.71 10.15 -1.98
C SER B 41 19.22 10.33 -2.26
N VAL B 42 18.49 9.21 -2.31
CA VAL B 42 17.05 9.27 -2.52
C VAL B 42 16.38 10.08 -1.41
N LEU B 43 16.72 9.79 -0.14
CA LEU B 43 16.08 10.50 0.95
C LEU B 43 16.39 11.99 0.92
N ASP B 44 17.63 12.36 0.59
N ASP B 44 17.64 12.32 0.58
CA ASP B 44 17.97 13.77 0.52
CA ASP B 44 18.06 13.72 0.47
C ASP B 44 17.19 14.45 -0.61
C ASP B 44 17.26 14.44 -0.61
N GLN B 45 17.06 13.77 -1.74
CA GLN B 45 16.25 14.32 -2.84
C GLN B 45 14.80 14.53 -2.42
N LEU B 46 14.21 13.56 -1.73
CA LEU B 46 12.82 13.67 -1.30
C LEU B 46 12.64 14.83 -0.33
N GLN B 47 13.50 14.91 0.69
CA GLN B 47 13.39 16.02 1.66
C GLN B 47 13.60 17.40 1.05
N ASP B 48 14.47 17.50 0.05
CA ASP B 48 14.72 18.79 -0.59
CA ASP B 48 14.72 18.77 -0.62
C ASP B 48 13.44 19.31 -1.27
N LYS B 49 12.52 18.40 -1.58
CA LYS B 49 11.25 18.78 -2.22
C LYS B 49 10.19 19.20 -1.20
N ASP B 50 10.54 19.17 0.09
CA ASP B 50 9.61 19.53 1.16
C ASP B 50 10.20 20.66 2.02
N PRO B 51 10.42 21.84 1.43
CA PRO B 51 11.00 22.94 2.22
C PRO B 51 10.10 23.45 3.34
N ALA B 52 8.79 23.22 3.25
CA ALA B 52 7.88 23.61 4.32
C ALA B 52 7.95 22.64 5.50
N ARG B 53 8.73 21.56 5.34
CA ARG B 53 8.96 20.57 6.39
CA ARG B 53 8.95 20.57 6.40
C ARG B 53 7.67 19.93 6.88
N ILE B 54 6.70 19.77 5.98
CA ILE B 54 5.43 19.12 6.31
C ILE B 54 5.64 17.65 6.74
N PHE B 55 6.61 16.99 6.13
CA PHE B 55 6.87 15.56 6.36
C PHE B 55 8.18 15.31 7.10
N ALA B 56 8.78 16.36 7.64
CA ALA B 56 10.14 16.25 8.21
C ALA B 56 10.21 15.49 9.52
N GLN B 57 9.18 15.62 10.35
CA GLN B 57 9.19 15.13 11.72
C GLN B 57 7.86 14.46 12.03
N PRO B 58 7.83 13.60 13.05
CA PRO B 58 6.55 13.01 13.45
C PRO B 58 5.49 14.08 13.73
N VAL B 59 4.26 13.79 13.35
CA VAL B 59 3.14 14.66 13.69
C VAL B 59 3.08 14.80 15.22
N SER B 60 2.92 16.03 15.69
CA SER B 60 2.81 16.30 17.12
C SER B 60 1.44 15.94 17.68
N LEU B 61 1.42 15.01 18.63
CA LEU B 61 0.19 14.62 19.30
C LEU B 61 -0.36 15.77 20.16
N LYS B 62 0.50 16.71 20.51
CA LYS B 62 0.06 17.93 21.20
C LYS B 62 -0.73 18.83 20.26
N GLU B 63 -0.20 19.05 19.06
CA GLU B 63 -0.85 19.92 18.07
C GLU B 63 -2.02 19.22 17.36
N VAL B 64 -1.96 17.90 17.28
CA VAL B 64 -2.99 17.12 16.59
C VAL B 64 -3.41 15.94 17.45
N PRO B 65 -4.19 16.19 18.52
CA PRO B 65 -4.44 15.13 19.49
C PRO B 65 -5.25 13.93 18.98
N ASP B 66 -5.96 14.06 17.86
CA ASP B 66 -6.72 12.92 17.35
C ASP B 66 -5.98 12.11 16.29
N TYR B 67 -4.70 12.40 16.07
CA TYR B 67 -3.97 11.78 14.95
C TYR B 67 -3.96 10.26 15.02
N LEU B 68 -3.69 9.69 16.19
CA LEU B 68 -3.63 8.24 16.32
C LEU B 68 -4.99 7.58 16.41
N ASP B 69 -6.06 8.36 16.51
CA ASP B 69 -7.40 7.80 16.36
C ASP B 69 -7.54 7.22 14.97
N HIS B 70 -6.82 7.81 14.01
CA HIS B 70 -7.03 7.49 12.60
C HIS B 70 -5.83 6.86 11.92
N ILE B 71 -4.62 7.25 12.33
CA ILE B 71 -3.41 6.77 11.67
C ILE B 71 -2.73 5.73 12.54
N LYS B 72 -2.66 4.50 12.06
CA LYS B 72 -2.14 3.42 12.88
C LYS B 72 -0.61 3.30 12.85
N HIS B 73 0.02 3.71 11.76
CA HIS B 73 1.49 3.65 11.67
C HIS B 73 2.08 4.94 11.15
N PRO B 74 2.28 5.92 12.05
CA PRO B 74 2.88 7.20 11.68
C PRO B 74 4.25 7.03 11.03
N MET B 75 4.59 7.92 10.11
CA MET B 75 5.92 7.90 9.49
C MET B 75 6.29 9.30 9.03
N ASP B 76 7.59 9.57 8.94
CA ASP B 76 8.12 10.88 8.61
C ASP B 76 9.58 10.73 8.17
N PHE B 77 10.15 11.77 7.58
CA PHE B 77 11.50 11.67 7.01
C PHE B 77 12.59 11.47 8.08
N ALA B 78 12.44 12.07 9.26
CA ALA B 78 13.46 11.89 10.32
C ALA B 78 13.50 10.44 10.80
N THR B 79 12.33 9.83 10.94
CA THR B 79 12.24 8.43 11.34
C THR B 79 12.83 7.53 10.25
N MET B 80 12.61 7.88 8.97
CA MET B 80 13.25 7.12 7.90
C MET B 80 14.77 7.28 7.94
N ARG B 81 15.26 8.50 8.20
CA ARG B 81 16.71 8.71 8.24
C ARG B 81 17.35 7.90 9.37
N LYS B 82 16.68 7.85 10.51
CA LYS B 82 17.16 7.07 11.66
C LYS B 82 17.29 5.61 11.27
N ARG B 83 16.26 5.07 10.63
CA ARG B 83 16.24 3.67 10.22
C ARG B 83 17.35 3.40 9.20
N LEU B 84 17.50 4.31 8.24
CA LEU B 84 18.52 4.18 7.20
C LEU B 84 19.92 4.12 7.82
N GLU B 85 20.24 5.09 8.67
CA GLU B 85 21.60 5.19 9.18
C GLU B 85 21.93 4.11 10.19
N ALA B 86 20.89 3.47 10.71
CA ALA B 86 21.08 2.35 11.64
C ALA B 86 21.13 0.99 10.94
N GLN B 87 21.24 1.01 9.61
CA GLN B 87 21.26 -0.20 8.79
C GLN B 87 19.95 -1.00 8.85
N GLY B 88 18.82 -0.29 8.97
CA GLY B 88 17.53 -0.95 9.06
C GLY B 88 16.75 -1.16 7.76
N TYR B 89 17.31 -0.67 6.64
CA TYR B 89 16.72 -0.99 5.33
C TYR B 89 17.54 -2.04 4.62
N LYS B 90 16.93 -3.20 4.42
CA LYS B 90 17.57 -4.33 3.75
C LYS B 90 17.59 -4.19 2.23
N ASN B 91 16.60 -3.47 1.70
CA ASN B 91 16.43 -3.33 0.26
C ASN B 91 15.62 -2.08 -0.04
N LEU B 92 15.54 -1.72 -1.31
CA LEU B 92 14.80 -0.54 -1.74
C LEU B 92 13.32 -0.64 -1.42
N HIS B 93 12.74 -1.83 -1.55
CA HIS B 93 11.31 -1.97 -1.29
C HIS B 93 10.93 -1.58 0.14
N GLU B 94 11.74 -1.96 1.13
CA GLU B 94 11.47 -1.56 2.52
C GLU B 94 11.46 -0.02 2.68
N PHE B 95 12.36 0.66 1.98
CA PHE B 95 12.41 2.11 1.98
C PHE B 95 11.15 2.69 1.31
N GLU B 96 10.80 2.13 0.15
CA GLU B 96 9.58 2.52 -0.55
CA GLU B 96 9.58 2.52 -0.55
C GLU B 96 8.34 2.40 0.32
N GLU B 97 8.25 1.32 1.09
CA GLU B 97 7.08 1.11 1.94
C GLU B 97 6.94 2.21 2.97
N ASP B 98 8.05 2.67 3.54
CA ASP B 98 7.99 3.76 4.52
C ASP B 98 7.62 5.09 3.85
N PHE B 99 8.14 5.35 2.64
CA PHE B 99 7.77 6.57 1.93
C PHE B 99 6.26 6.54 1.63
N ASP B 100 5.75 5.38 1.19
CA ASP B 100 4.32 5.27 0.92
C ASP B 100 3.48 5.53 2.17
N LEU B 101 4.00 5.14 3.35
CA LEU B 101 3.30 5.42 4.59
C LEU B 101 3.17 6.92 4.80
N ILE B 102 4.25 7.65 4.58
CA ILE B 102 4.19 9.11 4.72
C ILE B 102 3.08 9.71 3.86
N ILE B 103 3.05 9.30 2.59
CA ILE B 103 2.07 9.82 1.64
C ILE B 103 0.65 9.37 1.99
N ASP B 104 0.49 8.07 2.24
CA ASP B 104 -0.83 7.51 2.47
C ASP B 104 -1.44 8.03 3.76
N ASN B 105 -0.63 8.16 4.81
CA ASN B 105 -1.15 8.72 6.07
C ASN B 105 -1.66 10.13 5.88
N CYS B 106 -0.93 10.93 5.11
CA CYS B 106 -1.30 12.32 4.88
C CYS B 106 -2.59 12.41 4.07
N MET B 107 -2.69 11.57 3.03
CA MET B 107 -3.89 11.60 2.19
C MET B 107 -5.11 11.05 2.93
N LYS B 108 -4.89 10.14 3.89
CA LYS B 108 -5.99 9.62 4.70
CA LYS B 108 -5.98 9.62 4.71
C LYS B 108 -6.44 10.61 5.77
N TYR B 109 -5.49 11.26 6.44
CA TYR B 109 -5.84 12.16 7.54
C TYR B 109 -6.42 13.49 7.05
N ASN B 110 -5.89 14.01 5.95
CA ASN B 110 -6.34 15.31 5.45
C ASN B 110 -7.39 15.19 4.35
N ALA B 111 -8.34 16.12 4.33
CA ALA B 111 -9.34 16.14 3.25
C ALA B 111 -8.69 16.50 1.91
N ARG B 112 -9.27 16.05 0.81
CA ARG B 112 -8.60 16.19 -0.48
C ARG B 112 -8.44 17.65 -0.90
N ASP B 113 -9.39 18.51 -0.53
CA ASP B 113 -9.28 19.91 -0.89
C ASP B 113 -8.56 20.70 0.20
N THR B 114 -7.31 20.34 0.47
CA THR B 114 -6.47 21.00 1.46
C THR B 114 -5.04 21.09 0.97
N VAL B 115 -4.29 22.02 1.55
CA VAL B 115 -2.90 22.25 1.20
C VAL B 115 -2.03 21.02 1.53
N PHE B 116 -2.24 20.42 2.71
CA PHE B 116 -1.39 19.28 3.08
C PHE B 116 -1.70 18.05 2.21
N TYR B 117 -2.96 17.81 1.86
CA TYR B 117 -3.27 16.71 0.96
C TYR B 117 -2.61 16.93 -0.39
N ARG B 118 -2.70 18.14 -0.93
CA ARG B 118 -2.08 18.38 -2.23
C ARG B 118 -0.56 18.29 -2.14
N ALA B 119 0.03 18.59 -0.98
CA ALA B 119 1.47 18.43 -0.80
C ALA B 119 1.85 16.95 -0.92
N ALA B 120 1.03 16.08 -0.34
CA ALA B 120 1.30 14.65 -0.43
C ALA B 120 1.15 14.14 -1.87
N VAL B 121 0.16 14.64 -2.60
CA VAL B 121 0.02 14.27 -4.01
C VAL B 121 1.23 14.72 -4.84
N ARG B 122 1.70 15.93 -4.57
CA ARG B 122 2.87 16.48 -5.23
C ARG B 122 4.10 15.62 -4.95
N LEU B 123 4.34 15.34 -3.68
CA LEU B 123 5.50 14.53 -3.28
C LEU B 123 5.40 13.08 -3.78
N ARG B 124 4.18 12.55 -3.85
CA ARG B 124 3.97 11.20 -4.38
C ARG B 124 4.42 11.13 -5.83
N ASP B 125 4.00 12.10 -6.64
N ASP B 125 4.07 12.13 -6.62
CA ASP B 125 4.41 12.19 -8.06
CA ASP B 125 4.36 12.08 -8.04
C ASP B 125 5.91 12.24 -8.19
C ASP B 125 5.83 12.39 -8.34
N GLN B 126 6.47 13.24 -7.53
CA GLN B 126 7.91 13.51 -7.65
C GLN B 126 8.69 12.34 -7.10
N GLY B 127 8.24 11.79 -5.97
CA GLY B 127 8.93 10.69 -5.33
C GLY B 127 8.83 9.41 -6.14
N GLY B 128 7.71 9.23 -6.82
CA GLY B 128 7.54 8.07 -7.69
C GLY B 128 8.62 8.03 -8.75
N VAL B 129 8.93 9.19 -9.31
CA VAL B 129 9.94 9.26 -10.37
C VAL B 129 11.32 8.97 -9.78
N VAL B 130 11.62 9.54 -8.61
CA VAL B 130 12.91 9.30 -7.97
C VAL B 130 13.08 7.82 -7.65
N LEU B 131 12.02 7.19 -7.15
CA LEU B 131 12.11 5.79 -6.73
C LEU B 131 12.18 4.85 -7.93
N ARG B 132 11.53 5.19 -9.04
CA ARG B 132 11.66 4.36 -10.24
C ARG B 132 13.09 4.45 -10.78
N GLN B 133 13.69 5.63 -10.70
CA GLN B 133 15.10 5.78 -11.08
C GLN B 133 16.00 5.01 -10.12
N ALA B 134 15.68 5.04 -8.83
CA ALA B 134 16.45 4.26 -7.86
C ALA B 134 16.37 2.75 -8.19
N ARG B 135 15.22 2.27 -8.66
CA ARG B 135 15.09 0.87 -9.03
C ARG B 135 16.00 0.53 -10.22
N ARG B 136 16.07 1.42 -11.19
CA ARG B 136 17.00 1.26 -12.31
C ARG B 136 18.43 1.17 -11.81
N GLU B 137 18.77 1.99 -10.81
CA GLU B 137 20.13 1.97 -10.25
C GLU B 137 20.39 0.67 -9.46
N VAL B 138 19.41 0.18 -8.71
CA VAL B 138 19.54 -1.12 -8.05
C VAL B 138 19.90 -2.19 -9.07
N ASP B 139 19.21 -2.18 -10.21
CA ASP B 139 19.47 -3.20 -11.23
C ASP B 139 20.84 -3.00 -11.89
N SER B 140 21.21 -1.75 -12.16
CA SER B 140 22.47 -1.47 -12.84
C SER B 140 23.68 -1.75 -11.94
N ILE B 141 23.57 -1.41 -10.66
CA ILE B 141 24.67 -1.59 -9.71
C ILE B 141 24.76 -3.05 -9.25
N GLY B 142 23.64 -3.77 -9.30
CA GLY B 142 23.58 -5.17 -8.88
C GLY B 142 23.35 -5.36 -7.40
N LEU B 143 22.45 -4.58 -6.82
CA LEU B 143 22.32 -4.52 -5.36
C LEU B 143 21.45 -5.63 -4.78
N GLU B 144 20.68 -6.32 -5.61
CA GLU B 144 19.88 -7.44 -5.13
C GLU B 144 20.35 -8.78 -5.70
#